data_2W68
#
_entry.id   2W68
#
_cell.length_a   138.600
_cell.length_b   197.620
_cell.length_c   82.980
_cell.angle_alpha   90.00
_cell.angle_beta   90.00
_cell.angle_gamma   90.00
#
_symmetry.space_group_name_H-M   'C 2 2 21'
#
loop_
_entity.id
_entity.type
_entity.pdbx_description
1 polymer SIALIDASE
2 branched 'N-acetyl-alpha-neuraminic acid-(2-3)-beta-D-galactopyranose-(1-4)-beta-D-glucopyranose'
3 non-polymer 'CALCIUM ION'
4 water water
#
_entity_poly.entity_id   1
_entity_poly.type   'polypeptide(L)'
_entity_poly.pdbx_seq_one_letter_code
;AAMALFDYNATGDTEFDSPAKQGWMQDNTNNGSGVLTNADGMPAWLVQGIGGRAQWTYSLSTNQHAQASSFGWRMTTEMK
VLSGGMITNYYANGTQRVLPIISLDSSGNLVVEFEGQTGRTVLATGTAATEYHKFELVFLPGSNPSASFYFDGKLIRDNI
QPTASKQNMIVWGNGSSNTDGVAAYRDIKFEIQGD
;
_entity_poly.pdbx_strand_id   A,B,C
#
# COMPACT_ATOMS: atom_id res chain seq x y z
N ALA A 1 -23.74 -18.76 -12.75
CA ALA A 1 -22.99 -18.05 -11.68
C ALA A 1 -21.84 -17.45 -12.40
N ALA A 2 -21.09 -16.63 -11.65
CA ALA A 2 -21.44 -16.38 -10.25
C ALA A 2 -21.46 -14.89 -9.89
N MET A 3 -22.46 -14.46 -9.16
CA MET A 3 -22.39 -13.06 -8.67
C MET A 3 -22.90 -12.87 -7.24
N ALA A 4 -22.48 -11.81 -6.61
CA ALA A 4 -22.98 -11.54 -5.28
C ALA A 4 -23.25 -10.05 -5.09
N LEU A 5 -24.21 -9.77 -4.21
CA LEU A 5 -24.54 -8.38 -3.81
C LEU A 5 -24.65 -8.18 -2.29
N PHE A 6 -24.07 -7.09 -1.82
CA PHE A 6 -24.18 -6.72 -0.40
C PHE A 6 -24.64 -5.27 -0.27
N ASP A 7 -25.68 -5.07 0.52
CA ASP A 7 -26.29 -3.77 0.64
C ASP A 7 -26.74 -3.37 2.04
N TYR A 8 -26.82 -2.04 2.22
CA TYR A 8 -27.72 -1.44 3.20
C TYR A 8 -28.78 -0.63 2.46
N ASN A 9 -30.02 -0.88 2.81
CA ASN A 9 -31.12 -0.15 2.22
C ASN A 9 -31.89 0.56 3.35
N ALA A 10 -31.83 1.89 3.35
CA ALA A 10 -32.52 2.67 4.38
C ALA A 10 -34.04 2.39 4.42
N THR A 11 -34.50 1.87 5.57
CA THR A 11 -35.91 1.58 5.73
C THR A 11 -36.44 1.83 7.14
N GLY A 12 -37.70 2.27 7.20
CA GLY A 12 -38.45 2.33 8.45
C GLY A 12 -38.82 1.00 9.07
N ASP A 13 -38.94 -0.07 8.27
CA ASP A 13 -39.23 -1.43 8.79
C ASP A 13 -38.55 -1.69 10.10
N THR A 14 -39.27 -2.22 11.08
CA THR A 14 -38.59 -2.55 12.33
C THR A 14 -37.46 -3.55 12.21
N GLU A 15 -37.72 -4.60 11.44
CA GLU A 15 -36.80 -5.73 11.32
C GLU A 15 -35.43 -5.32 10.73
N PHE A 16 -35.42 -4.20 10.02
CA PHE A 16 -34.23 -3.79 9.32
C PHE A 16 -33.93 -2.30 9.44
N ASP A 17 -34.29 -1.69 10.59
CA ASP A 17 -34.30 -0.23 10.74
C ASP A 17 -32.97 0.41 11.16
N SER A 18 -31.92 -0.38 11.19
CA SER A 18 -30.58 0.17 11.20
C SER A 18 -29.75 -0.67 10.22
N PRO A 19 -28.54 -0.20 9.90
CA PRO A 19 -27.56 -1.03 9.21
C PRO A 19 -27.15 -2.25 10.02
N ALA A 20 -27.03 -2.15 11.34
CA ALA A 20 -26.69 -3.31 12.19
C ALA A 20 -27.64 -4.47 11.93
N LYS A 21 -28.89 -4.14 11.58
CA LYS A 21 -29.87 -5.19 11.32
C LYS A 21 -29.85 -5.67 9.82
N GLN A 22 -29.00 -5.07 9.01
CA GLN A 22 -28.80 -5.56 7.67
C GLN A 22 -27.39 -6.22 7.52
N GLY A 23 -26.79 -6.67 8.64
CA GLY A 23 -25.50 -7.35 8.64
C GLY A 23 -24.24 -6.48 8.65
N TRP A 24 -24.41 -5.17 8.81
CA TRP A 24 -23.31 -4.22 8.90
C TRP A 24 -22.89 -4.00 10.34
N MET A 25 -21.64 -3.66 10.58
CA MET A 25 -21.11 -3.36 11.90
C MET A 25 -20.87 -1.89 12.12
N GLN A 26 -21.45 -1.41 13.22
CA GLN A 26 -21.20 -0.09 13.70
C GLN A 26 -19.75 0.05 14.07
N ASP A 27 -19.13 1.14 13.62
CA ASP A 27 -17.74 1.39 13.88
C ASP A 27 -17.51 2.88 14.10
N ASN A 28 -18.07 3.36 15.22
CA ASN A 28 -17.89 4.74 15.64
C ASN A 28 -16.77 4.82 16.68
N THR A 29 -16.20 6.00 16.89
CA THR A 29 -15.42 6.28 18.11
C THR A 29 -15.96 7.59 18.72
N ASN A 30 -15.69 7.81 20.02
CA ASN A 30 -15.96 9.10 20.64
C ASN A 30 -17.39 9.56 20.57
N ASN A 31 -17.58 10.77 20.05
CA ASN A 31 -18.88 11.45 19.94
C ASN A 31 -19.65 11.08 18.66
N GLY A 32 -19.08 10.21 17.83
CA GLY A 32 -19.70 9.87 16.56
C GLY A 32 -20.95 9.11 16.86
N SER A 33 -21.94 9.25 16.00
CA SER A 33 -23.23 8.60 16.21
C SER A 33 -23.96 8.49 14.89
N GLY A 34 -25.14 7.88 14.94
CA GLY A 34 -26.06 7.92 13.80
C GLY A 34 -27.47 7.68 14.24
N VAL A 35 -28.41 7.88 13.32
CA VAL A 35 -29.81 7.59 13.64
C VAL A 35 -30.59 7.49 12.34
N LEU A 36 -31.64 6.66 12.33
CA LEU A 36 -32.59 6.68 11.23
C LEU A 36 -33.35 8.01 11.15
N THR A 37 -33.34 8.62 9.99
CA THR A 37 -34.11 9.79 9.78
C THR A 37 -35.03 9.63 8.60
N ASN A 38 -35.92 10.59 8.41
CA ASN A 38 -36.82 10.57 7.26
C ASN A 38 -36.78 11.92 6.60
N ALA A 39 -36.61 11.94 5.29
CA ALA A 39 -36.39 13.23 4.61
C ALA A 39 -37.50 13.59 3.60
N ASP A 40 -37.45 12.97 2.43
CA ASP A 40 -38.33 13.36 1.34
C ASP A 40 -39.38 12.25 1.28
N GLY A 41 -40.12 12.08 2.39
CA GLY A 41 -41.01 10.92 2.58
C GLY A 41 -40.22 9.61 2.58
N MET A 42 -38.90 9.75 2.62
CA MET A 42 -38.03 8.62 2.43
C MET A 42 -37.01 8.47 3.54
N PRO A 43 -36.86 7.24 4.03
CA PRO A 43 -35.84 7.01 5.04
C PRO A 43 -34.45 7.34 4.53
N ALA A 44 -33.59 7.75 5.43
CA ALA A 44 -32.17 7.84 5.19
C ALA A 44 -31.47 7.54 6.51
N TRP A 45 -30.22 7.06 6.45
CA TRP A 45 -29.48 6.92 7.68
C TRP A 45 -28.53 8.10 7.73
N LEU A 46 -28.64 8.89 8.80
CA LEU A 46 -27.81 10.08 9.03
C LEU A 46 -26.59 9.66 9.87
N VAL A 47 -25.43 9.84 9.25
CA VAL A 47 -24.16 9.54 9.82
C VAL A 47 -23.64 10.88 10.39
N GLN A 48 -23.33 10.88 11.69
CA GLN A 48 -22.89 12.11 12.37
C GLN A 48 -21.51 11.99 12.95
N GLY A 49 -20.51 12.30 12.12
CA GLY A 49 -19.11 12.19 12.50
C GLY A 49 -18.65 13.53 13.03
N ILE A 50 -19.22 13.89 14.16
CA ILE A 50 -18.92 15.14 14.84
C ILE A 50 -18.17 14.82 16.11
N GLY A 51 -16.87 15.10 16.08
CA GLY A 51 -15.96 14.85 17.21
C GLY A 51 -15.79 13.37 17.46
N GLY A 52 -15.48 12.62 16.40
CA GLY A 52 -15.39 11.18 16.50
C GLY A 52 -15.66 10.63 15.12
N ARG A 53 -15.28 9.37 14.90
CA ARG A 53 -15.51 8.68 13.63
C ARG A 53 -16.89 8.07 13.64
N ALA A 54 -17.55 8.06 12.48
CA ALA A 54 -18.86 7.41 12.39
C ALA A 54 -19.00 6.70 11.06
N GLN A 55 -18.92 5.36 11.08
CA GLN A 55 -19.04 4.56 9.87
C GLN A 55 -19.57 3.18 10.15
N TRP A 56 -19.93 2.51 9.06
CA TRP A 56 -20.44 1.17 9.09
C TRP A 56 -19.56 0.30 8.21
N THR A 57 -19.34 -0.94 8.64
CA THR A 57 -18.49 -1.87 7.91
C THR A 57 -19.21 -3.19 7.58
N TYR A 58 -18.71 -3.86 6.55
CA TYR A 58 -19.22 -5.18 6.18
C TYR A 58 -18.03 -6.13 5.85
N SER A 59 -18.10 -7.37 6.33
CA SER A 59 -17.02 -8.35 6.14
C SER A 59 -17.30 -9.32 5.04
N LEU A 60 -16.40 -9.35 4.05
CA LEU A 60 -16.46 -10.33 3.00
C LEU A 60 -15.76 -11.56 3.51
N SER A 61 -16.11 -12.69 2.95
CA SER A 61 -15.48 -13.90 3.31
C SER A 61 -14.29 -14.06 2.40
N THR A 62 -13.44 -14.97 2.80
CA THR A 62 -12.29 -15.39 2.05
C THR A 62 -12.57 -15.58 0.56
N ASN A 63 -13.55 -16.42 0.21
CA ASN A 63 -13.82 -16.60 -1.22
C ASN A 63 -14.27 -15.31 -1.88
N GLN A 64 -15.03 -14.46 -1.18
CA GLN A 64 -15.57 -13.23 -1.74
C GLN A 64 -14.47 -12.22 -2.03
N HIS A 65 -13.53 -12.04 -1.09
CA HIS A 65 -12.36 -11.25 -1.46
C HIS A 65 -11.75 -11.76 -2.74
N ALA A 66 -11.44 -13.07 -2.80
CA ALA A 66 -10.78 -13.63 -3.98
C ALA A 66 -11.65 -13.49 -5.26
N GLN A 67 -12.94 -13.67 -5.14
CA GLN A 67 -13.81 -13.51 -6.30
C GLN A 67 -13.81 -12.06 -6.79
N ALA A 68 -13.79 -11.12 -5.85
CA ALA A 68 -13.78 -9.71 -6.14
C ALA A 68 -12.60 -9.37 -7.00
N SER A 69 -11.45 -9.92 -6.63
CA SER A 69 -10.18 -9.79 -7.37
C SER A 69 -10.18 -10.40 -8.78
N SER A 70 -10.77 -11.58 -8.94
CA SER A 70 -10.80 -12.21 -10.26
C SER A 70 -11.74 -11.50 -11.19
N PHE A 71 -12.95 -11.20 -10.74
CA PHE A 71 -13.97 -10.80 -11.67
C PHE A 71 -14.32 -9.32 -11.65
N GLY A 72 -13.91 -8.63 -10.59
CA GLY A 72 -14.18 -7.20 -10.44
C GLY A 72 -15.47 -6.92 -9.65
N TRP A 73 -15.68 -5.66 -9.32
CA TRP A 73 -16.75 -5.27 -8.40
C TRP A 73 -17.23 -3.83 -8.61
N ARG A 74 -18.40 -3.55 -8.06
CA ARG A 74 -18.97 -2.23 -8.23
C ARG A 74 -19.57 -1.81 -6.92
N MET A 75 -19.21 -0.60 -6.47
CA MET A 75 -19.79 -0.05 -5.23
C MET A 75 -20.63 1.19 -5.54
N THR A 76 -21.92 1.12 -5.24
CA THR A 76 -22.80 2.24 -5.45
C THR A 76 -23.37 2.80 -4.16
N THR A 77 -23.24 4.10 -4.00
CA THR A 77 -23.81 4.77 -2.85
C THR A 77 -24.83 5.82 -3.25
N GLU A 78 -26.04 5.77 -2.70
CA GLU A 78 -26.92 6.97 -2.74
C GLU A 78 -26.92 7.77 -1.42
N MET A 79 -26.25 8.91 -1.44
CA MET A 79 -26.15 9.74 -0.25
C MET A 79 -26.28 11.25 -0.53
N LYS A 80 -26.39 12.02 0.55
CA LYS A 80 -26.41 13.49 0.49
C LYS A 80 -25.46 13.97 1.56
N VAL A 81 -24.45 14.72 1.15
CA VAL A 81 -23.50 15.29 2.07
C VAL A 81 -24.02 16.61 2.67
N LEU A 82 -24.10 16.67 4.00
CA LEU A 82 -24.59 17.82 4.74
C LEU A 82 -23.48 18.80 5.21
N SER A 83 -22.40 18.28 5.81
CA SER A 83 -21.29 19.08 6.26
C SER A 83 -19.93 18.36 6.35
N GLY A 84 -18.87 19.11 6.10
CA GLY A 84 -17.51 18.61 6.30
C GLY A 84 -16.92 17.72 5.20
N GLY A 85 -16.29 16.65 5.67
CA GLY A 85 -15.35 15.91 4.86
C GLY A 85 -15.09 14.50 5.34
N MET A 86 -14.06 13.89 4.77
CA MET A 86 -13.77 12.46 4.97
C MET A 86 -15.01 11.65 4.88
N ILE A 87 -15.88 11.97 3.93
CA ILE A 87 -16.90 11.01 3.62
C ILE A 87 -16.27 9.88 2.77
N THR A 88 -16.15 8.74 3.41
CA THR A 88 -15.33 7.67 2.88
C THR A 88 -16.15 6.41 2.71
N ASN A 89 -16.62 6.23 1.47
CA ASN A 89 -17.35 5.04 1.08
C ASN A 89 -16.49 4.29 0.10
N TYR A 90 -16.01 3.10 0.55
CA TYR A 90 -14.94 2.39 -0.12
C TYR A 90 -14.77 0.88 0.26
N TYR A 91 -13.86 0.20 -0.44
CA TYR A 91 -13.56 -1.20 -0.20
C TYR A 91 -12.05 -1.43 -0.09
N ALA A 92 -11.61 -2.04 1.00
CA ALA A 92 -10.22 -2.50 1.16
C ALA A 92 -10.21 -4.06 1.22
N ASN A 93 -9.09 -4.70 0.83
CA ASN A 93 -9.02 -6.17 0.75
C ASN A 93 -7.81 -6.86 1.41
N GLY A 94 -7.21 -6.18 2.36
CA GLY A 94 -6.10 -6.78 3.09
C GLY A 94 -4.83 -6.30 2.47
N THR A 95 -4.96 -5.76 1.28
CA THR A 95 -3.78 -5.39 0.52
C THR A 95 -3.87 -4.06 -0.19
N GLN A 96 -5.09 -3.63 -0.55
CA GLN A 96 -5.25 -2.45 -1.35
C GLN A 96 -6.68 -1.86 -1.25
N ARG A 97 -6.81 -0.59 -1.65
CA ARG A 97 -8.11 0.03 -1.75
C ARG A 97 -8.13 1.06 -2.85
N VAL A 98 -9.30 1.31 -3.42
CA VAL A 98 -9.47 2.58 -4.11
C VAL A 98 -10.29 3.48 -3.15
N LEU A 99 -9.69 4.55 -2.65
CA LEU A 99 -10.41 5.37 -1.67
C LEU A 99 -10.87 6.69 -2.25
N PRO A 100 -12.16 6.80 -2.54
CA PRO A 100 -12.50 8.19 -2.78
C PRO A 100 -12.88 8.87 -1.45
N ILE A 101 -12.43 10.13 -1.29
CA ILE A 101 -12.74 11.00 -0.16
C ILE A 101 -13.64 12.19 -0.64
N ILE A 102 -14.85 12.26 -0.11
CA ILE A 102 -15.78 13.25 -0.56
C ILE A 102 -16.01 14.27 0.54
N SER A 103 -16.28 15.51 0.13
CA SER A 103 -16.45 16.63 1.06
C SER A 103 -17.12 17.90 0.44
N LEU A 104 -17.21 18.95 1.26
CA LEU A 104 -17.67 20.26 0.84
C LEU A 104 -16.55 21.21 1.12
N ASP A 105 -16.06 21.93 0.11
CA ASP A 105 -14.88 22.77 0.29
C ASP A 105 -15.25 24.07 0.98
N SER A 106 -14.26 24.91 1.28
CA SER A 106 -14.57 26.15 1.97
C SER A 106 -15.43 27.10 1.08
N SER A 107 -15.62 26.79 -0.20
CA SER A 107 -16.57 27.57 -1.03
C SER A 107 -17.95 26.95 -1.09
N GLY A 108 -18.18 25.84 -0.36
CA GLY A 108 -19.49 25.14 -0.42
C GLY A 108 -19.77 24.10 -1.52
N ASN A 109 -18.84 23.94 -2.47
CA ASN A 109 -18.92 22.87 -3.50
C ASN A 109 -18.65 21.43 -3.00
N LEU A 110 -19.33 20.48 -3.64
CA LEU A 110 -19.11 19.07 -3.37
C LEU A 110 -17.90 18.59 -4.18
N VAL A 111 -16.81 18.26 -3.48
CA VAL A 111 -15.60 17.83 -4.15
C VAL A 111 -15.31 16.36 -3.87
N VAL A 112 -14.50 15.74 -4.73
CA VAL A 112 -13.92 14.39 -4.51
C VAL A 112 -12.40 14.36 -4.71
N GLU A 113 -11.72 13.67 -3.79
CA GLU A 113 -10.30 13.41 -3.90
C GLU A 113 -10.17 11.94 -3.96
N PHE A 114 -9.02 11.43 -4.44
CA PHE A 114 -8.68 9.99 -4.35
C PHE A 114 -7.30 9.79 -3.73
N GLU A 115 -7.20 8.89 -2.76
CA GLU A 115 -5.90 8.53 -2.19
C GLU A 115 -4.98 8.09 -3.33
N GLY A 116 -3.76 8.62 -3.42
CA GLY A 116 -2.91 8.25 -4.56
C GLY A 116 -2.87 9.33 -5.61
N GLN A 117 -3.89 10.19 -5.60
CA GLN A 117 -3.88 11.42 -6.37
C GLN A 117 -3.90 12.61 -5.43
N THR A 118 -3.65 13.79 -5.98
CA THR A 118 -3.60 15.02 -5.20
C THR A 118 -4.36 16.11 -5.93
N GLY A 119 -5.32 16.70 -5.21
CA GLY A 119 -6.28 17.62 -5.78
C GLY A 119 -7.71 17.17 -5.60
N ARG A 120 -8.63 18.09 -5.85
CA ARG A 120 -10.06 17.85 -5.67
C ARG A 120 -10.79 18.02 -6.99
N THR A 121 -11.89 17.33 -7.17
CA THR A 121 -12.66 17.56 -8.37
C THR A 121 -14.06 17.96 -7.96
N VAL A 122 -14.47 19.09 -8.52
CA VAL A 122 -15.76 19.69 -8.26
C VAL A 122 -16.81 18.79 -8.88
N LEU A 123 -17.75 18.32 -8.06
CA LEU A 123 -18.80 17.46 -8.54
C LEU A 123 -20.09 18.22 -8.76
N ALA A 124 -20.36 19.17 -7.85
CA ALA A 124 -21.59 19.94 -7.85
C ALA A 124 -21.37 21.24 -7.10
N THR A 125 -21.81 22.34 -7.71
CA THR A 125 -21.74 23.65 -7.05
C THR A 125 -23.14 24.09 -6.65
N GLY A 126 -23.21 25.19 -5.92
CA GLY A 126 -24.48 25.82 -5.55
C GLY A 126 -25.36 24.89 -4.75
N THR A 127 -26.66 25.00 -4.96
CA THR A 127 -27.58 24.27 -4.10
C THR A 127 -27.48 22.76 -4.40
N ALA A 128 -26.95 22.43 -5.60
CA ALA A 128 -26.70 21.04 -6.01
C ALA A 128 -25.74 20.33 -5.05
N ALA A 129 -24.74 21.06 -4.57
CA ALA A 129 -23.68 20.49 -3.73
C ALA A 129 -24.20 19.70 -2.54
N THR A 130 -25.35 20.09 -2.00
CA THR A 130 -25.83 19.42 -0.81
C THR A 130 -27.14 18.69 -1.01
N GLU A 131 -27.42 18.23 -2.24
CA GLU A 131 -28.51 17.27 -2.45
C GLU A 131 -28.06 15.82 -2.72
N TYR A 132 -29.03 14.91 -2.80
CA TYR A 132 -28.77 13.52 -3.13
C TYR A 132 -28.12 13.30 -4.50
N HIS A 133 -27.16 12.40 -4.53
CA HIS A 133 -26.58 11.95 -5.78
C HIS A 133 -26.27 10.48 -5.69
N LYS A 134 -25.99 9.90 -6.84
CA LYS A 134 -25.64 8.50 -6.92
C LYS A 134 -24.15 8.42 -7.30
N PHE A 135 -23.35 7.80 -6.43
CA PHE A 135 -21.91 7.64 -6.63
C PHE A 135 -21.50 6.16 -6.89
N GLU A 136 -20.85 5.92 -8.04
CA GLU A 136 -20.37 4.58 -8.40
C GLU A 136 -18.87 4.52 -8.47
N LEU A 137 -18.32 3.47 -7.82
CA LEU A 137 -16.91 3.05 -7.92
C LEU A 137 -16.85 1.65 -8.53
N VAL A 138 -16.16 1.53 -9.67
CA VAL A 138 -16.24 0.39 -10.56
C VAL A 138 -14.83 -0.11 -10.82
N PHE A 139 -14.52 -1.29 -10.29
CA PHE A 139 -13.16 -1.81 -10.34
C PHE A 139 -13.01 -2.93 -11.37
N LEU A 140 -12.08 -2.72 -12.29
CA LEU A 140 -11.88 -3.57 -13.46
C LEU A 140 -10.50 -4.21 -13.24
N PRO A 141 -10.44 -5.57 -13.09
CA PRO A 141 -9.14 -6.17 -12.79
C PRO A 141 -8.41 -6.59 -14.06
N GLY A 142 -7.25 -7.16 -13.91
CA GLY A 142 -6.37 -7.35 -15.05
C GLY A 142 -5.04 -7.34 -14.39
N SER A 143 -4.00 -7.03 -15.17
CA SER A 143 -2.62 -6.95 -14.67
C SER A 143 -2.31 -5.47 -14.49
N ASN A 144 -3.31 -4.70 -14.90
CA ASN A 144 -3.34 -3.24 -14.95
C ASN A 144 -4.61 -2.77 -14.20
N PRO A 145 -4.81 -3.24 -12.95
CA PRO A 145 -6.10 -2.96 -12.34
C PRO A 145 -6.26 -1.45 -12.14
N SER A 146 -7.40 -0.91 -12.59
CA SER A 146 -7.71 0.52 -12.38
C SER A 146 -9.18 0.66 -11.95
N ALA A 147 -9.56 1.85 -11.44
CA ALA A 147 -10.95 2.11 -11.04
C ALA A 147 -11.55 3.29 -11.81
N SER A 148 -12.87 3.33 -11.85
CA SER A 148 -13.63 4.44 -12.43
C SER A 148 -14.68 5.02 -11.45
N PHE A 149 -14.77 6.34 -11.41
CA PHE A 149 -15.71 7.00 -10.52
C PHE A 149 -16.80 7.74 -11.29
N TYR A 150 -18.03 7.55 -10.83
CA TYR A 150 -19.20 8.03 -11.54
C TYR A 150 -20.14 8.76 -10.57
N PHE A 151 -20.72 9.83 -11.10
CA PHE A 151 -21.55 10.77 -10.39
C PHE A 151 -22.84 10.97 -11.20
N ASP A 152 -23.95 10.53 -10.63
CA ASP A 152 -25.20 10.39 -11.37
C ASP A 152 -24.91 9.85 -12.76
N GLY A 153 -24.11 8.78 -12.85
CA GLY A 153 -23.90 8.08 -14.12
C GLY A 153 -22.89 8.70 -15.08
N LYS A 154 -22.15 9.71 -14.64
CA LYS A 154 -21.26 10.40 -15.52
C LYS A 154 -19.85 10.14 -15.15
N LEU A 155 -19.11 9.51 -16.06
CA LEU A 155 -17.70 9.24 -15.79
C LEU A 155 -17.05 10.53 -15.33
N ILE A 156 -16.40 10.49 -14.17
CA ILE A 156 -15.67 11.63 -13.64
C ILE A 156 -14.16 11.41 -13.74
N ARG A 157 -13.73 10.22 -13.37
CA ARG A 157 -12.32 9.91 -13.32
C ARG A 157 -12.07 8.40 -13.53
N ASP A 158 -11.17 8.06 -14.45
CA ASP A 158 -10.89 6.66 -14.69
C ASP A 158 -9.40 6.45 -14.53
N ASN A 159 -8.97 5.19 -14.56
CA ASN A 159 -7.55 4.93 -14.41
C ASN A 159 -7.06 5.31 -13.04
N ILE A 160 -7.95 5.19 -12.06
CA ILE A 160 -7.57 5.37 -10.66
C ILE A 160 -6.87 4.13 -10.12
N GLN A 161 -5.59 4.30 -9.84
CA GLN A 161 -4.76 3.21 -9.39
C GLN A 161 -5.03 2.90 -7.94
N PRO A 162 -5.11 1.61 -7.57
CA PRO A 162 -5.28 1.24 -6.16
C PRO A 162 -4.09 1.67 -5.32
N THR A 163 -4.26 1.80 -4.00
CA THR A 163 -3.12 2.13 -3.12
C THR A 163 -3.06 1.10 -1.99
N ALA A 164 -1.90 0.95 -1.35
CA ALA A 164 -1.67 -0.06 -0.33
C ALA A 164 -2.54 0.25 0.87
N SER A 165 -2.94 -0.78 1.59
CA SER A 165 -3.78 -0.62 2.77
C SER A 165 -3.91 -1.99 3.37
N LYS A 166 -3.86 -2.07 4.70
CA LYS A 166 -4.06 -3.33 5.48
C LYS A 166 -5.53 -3.55 5.90
N GLN A 167 -6.36 -2.53 5.69
CA GLN A 167 -7.77 -2.62 6.04
C GLN A 167 -8.49 -3.63 5.15
N ASN A 168 -9.62 -4.14 5.60
CA ASN A 168 -10.31 -5.16 4.80
C ASN A 168 -11.83 -5.14 4.91
N MET A 169 -12.40 -3.95 4.97
CA MET A 169 -13.82 -3.84 5.08
C MET A 169 -14.42 -3.19 3.85
N ILE A 170 -15.69 -3.48 3.59
CA ILE A 170 -16.49 -2.54 2.91
C ILE A 170 -16.93 -1.50 3.99
N VAL A 171 -16.67 -0.24 3.73
CA VAL A 171 -16.93 0.83 4.66
C VAL A 171 -17.77 1.94 4.05
N TRP A 172 -18.70 2.48 4.83
CA TRP A 172 -19.29 3.80 4.46
C TRP A 172 -19.57 4.70 5.64
N GLY A 173 -19.38 5.99 5.41
CA GLY A 173 -19.53 6.99 6.43
C GLY A 173 -18.39 8.00 6.52
N ASN A 174 -18.15 8.48 7.75
CA ASN A 174 -17.13 9.46 8.06
C ASN A 174 -16.00 8.68 8.72
N GLY A 175 -15.02 8.29 7.90
CA GLY A 175 -13.91 7.44 8.35
C GLY A 175 -12.79 8.30 8.89
N SER A 176 -13.07 9.07 9.94
CA SER A 176 -12.12 10.01 10.52
C SER A 176 -12.62 10.61 11.84
N SER A 177 -11.76 10.47 12.84
CA SER A 177 -11.98 10.91 14.20
C SER A 177 -11.81 12.40 14.38
N ASN A 178 -11.10 13.04 13.44
CA ASN A 178 -10.81 14.47 13.55
C ASN A 178 -11.42 15.36 12.50
N THR A 179 -11.57 14.83 11.28
CA THR A 179 -12.30 15.55 10.27
C THR A 179 -13.77 15.25 10.48
N ASP A 180 -14.51 16.27 10.88
CA ASP A 180 -15.94 16.13 10.99
C ASP A 180 -16.58 16.00 9.64
N GLY A 181 -17.62 15.18 9.63
CA GLY A 181 -18.34 14.84 8.43
C GLY A 181 -19.72 14.35 8.78
N VAL A 182 -20.71 14.85 7.99
CA VAL A 182 -22.14 14.55 8.16
C VAL A 182 -22.83 14.30 6.80
N ALA A 183 -23.49 13.15 6.64
CA ALA A 183 -24.20 12.88 5.38
C ALA A 183 -25.31 11.91 5.62
N ALA A 184 -26.28 11.90 4.72
CA ALA A 184 -27.40 11.00 4.86
C ALA A 184 -27.41 9.94 3.70
N TYR A 185 -27.65 8.68 4.08
CA TYR A 185 -27.54 7.54 3.18
C TYR A 185 -28.84 6.77 3.01
N ARG A 186 -29.29 6.66 1.75
CA ARG A 186 -30.46 5.88 1.45
C ARG A 186 -30.06 4.48 1.01
N ASP A 187 -28.89 4.40 0.39
CA ASP A 187 -28.55 3.14 -0.24
C ASP A 187 -27.05 2.93 -0.36
N ILE A 188 -26.60 1.71 -0.06
CA ILE A 188 -25.26 1.24 -0.36
C ILE A 188 -25.27 -0.20 -0.97
N LYS A 189 -24.61 -0.40 -2.11
CA LYS A 189 -24.47 -1.72 -2.74
C LYS A 189 -23.01 -1.95 -3.05
N PHE A 190 -22.59 -3.19 -2.88
CA PHE A 190 -21.31 -3.66 -3.32
C PHE A 190 -21.63 -4.94 -4.05
N GLU A 191 -21.35 -4.95 -5.33
CA GLU A 191 -21.71 -6.09 -6.21
C GLU A 191 -20.43 -6.71 -6.78
N ILE A 192 -20.25 -8.00 -6.54
CA ILE A 192 -19.17 -8.77 -7.17
C ILE A 192 -19.65 -9.38 -8.51
N GLN A 193 -18.95 -9.06 -9.62
CA GLN A 193 -19.37 -9.53 -11.00
C GLN A 193 -19.11 -11.02 -11.35
N GLY A 194 -19.72 -11.45 -12.47
CA GLY A 194 -19.33 -12.66 -13.27
C GLY A 194 -18.32 -12.29 -14.35
N ASP A 195 -18.07 -13.15 -15.35
CA ASP A 195 -17.21 -12.69 -16.50
C ASP A 195 -18.05 -12.57 -17.74
N MET B 3 4.98 -16.34 -15.72
CA MET B 3 5.50 -15.10 -16.33
C MET B 3 6.15 -14.14 -15.37
N ALA B 4 5.85 -14.19 -14.07
CA ALA B 4 6.71 -13.48 -13.09
C ALA B 4 7.16 -14.45 -12.01
N LEU B 5 8.46 -14.43 -11.75
CA LEU B 5 9.07 -15.49 -10.98
C LEU B 5 9.89 -14.95 -9.80
N PHE B 6 9.52 -15.35 -8.59
CA PHE B 6 10.22 -14.89 -7.40
C PHE B 6 10.88 -16.10 -6.75
N ASP B 7 12.20 -16.12 -6.71
CA ASP B 7 12.85 -17.34 -6.22
C ASP B 7 14.09 -17.19 -5.36
N TYR B 8 14.30 -18.22 -4.55
CA TYR B 8 15.62 -18.59 -4.06
C TYR B 8 16.10 -19.83 -4.77
N ASN B 9 17.30 -19.68 -5.34
CA ASN B 9 18.03 -20.73 -6.01
C ASN B 9 19.40 -20.89 -5.36
N ALA B 10 19.58 -22.01 -4.66
CA ALA B 10 20.80 -22.23 -3.87
C ALA B 10 22.06 -22.33 -4.75
N THR B 11 23.03 -21.49 -4.46
CA THR B 11 24.27 -21.46 -5.22
C THR B 11 25.46 -21.10 -4.33
N GLY B 12 26.67 -21.34 -4.85
CA GLY B 12 27.91 -21.05 -4.14
C GLY B 12 28.48 -19.65 -4.33
N ASP B 13 28.14 -19.00 -5.43
CA ASP B 13 28.61 -17.65 -5.76
C ASP B 13 28.69 -16.72 -4.59
N THR B 14 29.78 -15.95 -4.54
CA THR B 14 29.90 -14.78 -3.66
C THR B 14 28.60 -13.98 -3.64
N GLU B 15 28.12 -13.67 -4.85
CA GLU B 15 27.11 -12.64 -5.01
C GLU B 15 25.75 -13.04 -4.44
N PHE B 16 25.50 -14.35 -4.36
CA PHE B 16 24.17 -14.87 -4.09
C PHE B 16 24.12 -16.04 -3.10
N ASP B 17 25.03 -16.07 -2.12
CA ASP B 17 25.15 -17.28 -1.30
C ASP B 17 24.20 -17.40 -0.09
N SER B 18 23.44 -16.35 0.19
CA SER B 18 22.40 -16.40 1.18
C SER B 18 21.08 -16.12 0.42
N PRO B 19 19.95 -16.66 0.93
CA PRO B 19 18.68 -16.18 0.44
C PRO B 19 18.60 -14.67 0.64
N ALA B 20 19.24 -14.19 1.70
CA ALA B 20 19.35 -12.74 1.90
C ALA B 20 19.84 -11.99 0.64
N LYS B 21 20.87 -12.51 0.01
CA LYS B 21 21.48 -11.85 -1.13
C LYS B 21 20.62 -12.00 -2.36
N GLN B 22 19.69 -12.95 -2.31
CA GLN B 22 18.78 -13.18 -3.42
C GLN B 22 17.38 -12.59 -3.14
N GLY B 23 17.29 -11.67 -2.19
CA GLY B 23 16.05 -10.88 -2.01
C GLY B 23 15.10 -11.26 -0.87
N TRP B 24 15.39 -12.38 -0.19
CA TRP B 24 14.59 -12.81 0.95
C TRP B 24 15.00 -12.11 2.24
N MET B 25 14.08 -12.03 3.19
CA MET B 25 14.33 -11.44 4.51
C MET B 25 14.45 -12.57 5.49
N GLN B 26 15.54 -12.60 6.23
CA GLN B 26 15.68 -13.60 7.30
C GLN B 26 14.65 -13.30 8.35
N ASP B 27 13.96 -14.31 8.86
CA ASP B 27 12.94 -14.04 9.86
C ASP B 27 12.93 -15.07 10.98
N ASN B 28 14.09 -15.23 11.65
CA ASN B 28 14.28 -16.20 12.76
C ASN B 28 13.91 -15.65 14.15
N THR B 29 13.78 -16.55 15.11
CA THR B 29 13.72 -16.22 16.55
C THR B 29 14.67 -17.11 17.36
N ASN B 30 15.11 -16.63 18.53
CA ASN B 30 16.01 -17.35 19.47
C ASN B 30 17.09 -18.10 18.74
N ASN B 31 17.13 -19.41 18.88
CA ASN B 31 18.24 -20.20 18.34
C ASN B 31 18.24 -20.49 16.83
N GLY B 32 17.17 -20.15 16.12
CA GLY B 32 17.02 -20.61 14.74
C GLY B 32 18.04 -20.01 13.81
N SER B 33 18.56 -20.79 12.90
CA SER B 33 19.53 -20.26 11.96
C SER B 33 19.54 -21.03 10.62
N GLY B 34 20.57 -20.78 9.81
CA GLY B 34 20.74 -21.42 8.51
C GLY B 34 22.20 -21.39 8.07
N VAL B 35 22.52 -22.09 6.97
CA VAL B 35 23.88 -22.12 6.47
C VAL B 35 23.91 -22.84 5.13
N LEU B 36 24.75 -22.37 4.21
CA LEU B 36 24.88 -23.05 2.93
C LEU B 36 25.74 -24.34 3.02
N THR B 37 25.32 -25.41 2.35
CA THR B 37 26.10 -26.63 2.32
C THR B 37 26.10 -27.27 0.93
N ASN B 38 26.94 -28.26 0.72
CA ASN B 38 27.03 -28.86 -0.60
C ASN B 38 26.86 -30.35 -0.54
N ALA B 39 26.13 -30.80 0.49
CA ALA B 39 26.09 -32.20 0.91
C ALA B 39 26.05 -33.27 -0.21
N ASP B 40 25.06 -33.19 -1.08
CA ASP B 40 24.92 -34.15 -2.17
C ASP B 40 25.64 -33.54 -3.36
N GLY B 41 26.89 -33.11 -3.12
CA GLY B 41 27.66 -32.22 -4.02
C GLY B 41 27.00 -30.89 -4.44
N MET B 42 25.65 -30.83 -4.34
CA MET B 42 24.82 -29.73 -4.88
C MET B 42 24.45 -28.71 -3.83
N PRO B 43 24.56 -27.42 -4.18
CA PRO B 43 24.32 -26.40 -3.17
C PRO B 43 22.88 -26.51 -2.67
N ALA B 44 22.71 -26.36 -1.36
CA ALA B 44 21.39 -26.33 -0.72
C ALA B 44 21.47 -25.50 0.54
N TRP B 45 20.41 -24.76 0.87
CA TRP B 45 20.44 -23.99 2.09
C TRP B 45 19.80 -24.77 3.17
N LEU B 46 20.52 -24.87 4.28
CA LEU B 46 20.10 -25.70 5.41
C LEU B 46 19.38 -24.81 6.38
N VAL B 47 18.10 -25.08 6.54
CA VAL B 47 17.29 -24.31 7.43
C VAL B 47 17.35 -25.13 8.65
N GLN B 48 17.84 -24.52 9.70
CA GLN B 48 17.86 -25.28 10.92
C GLN B 48 17.15 -24.57 12.06
N GLY B 49 15.96 -25.08 12.37
CA GLY B 49 15.11 -24.46 13.34
C GLY B 49 15.03 -25.29 14.59
N ILE B 50 16.19 -25.49 15.23
CA ILE B 50 16.19 -26.14 16.53
C ILE B 50 16.12 -25.04 17.56
N GLY B 51 15.09 -25.10 18.40
CA GLY B 51 14.85 -24.10 19.42
C GLY B 51 14.76 -22.71 18.84
N GLY B 52 13.93 -22.54 17.82
CA GLY B 52 13.64 -21.23 17.24
C GLY B 52 12.96 -21.38 15.88
N ARG B 53 12.20 -20.36 15.49
CA ARG B 53 11.74 -20.22 14.11
C ARG B 53 12.97 -20.08 13.21
N ALA B 54 12.94 -20.69 12.03
CA ALA B 54 13.92 -20.36 11.00
C ALA B 54 13.23 -20.36 9.64
N GLN B 55 13.09 -19.17 9.05
CA GLN B 55 12.34 -19.00 7.82
C GLN B 55 12.77 -17.77 7.03
N TRP B 56 12.39 -17.77 5.76
CA TRP B 56 12.73 -16.72 4.82
C TRP B 56 11.45 -16.15 4.19
N THR B 57 11.40 -14.84 3.96
CA THR B 57 10.17 -14.24 3.49
C THR B 57 10.40 -13.33 2.28
N TYR B 58 9.42 -13.26 1.40
CA TYR B 58 9.48 -12.35 0.24
C TYR B 58 8.23 -11.52 0.20
N SER B 59 8.35 -10.23 -0.13
CA SER B 59 7.21 -9.34 -0.23
C SER B 59 6.76 -8.95 -1.61
N LEU B 60 5.50 -9.19 -1.87
CA LEU B 60 5.02 -8.89 -3.19
C LEU B 60 4.52 -7.47 -3.22
N SER B 61 4.57 -6.85 -4.39
CA SER B 61 3.91 -5.56 -4.58
C SER B 61 2.39 -5.70 -4.57
N THR B 62 1.74 -4.57 -4.35
CA THR B 62 0.32 -4.41 -4.57
C THR B 62 -0.16 -5.10 -5.84
N ASN B 63 0.46 -4.80 -6.98
CA ASN B 63 0.02 -5.42 -8.25
C ASN B 63 0.31 -6.88 -8.34
N GLN B 64 1.38 -7.29 -7.70
CA GLN B 64 1.78 -8.66 -7.77
C GLN B 64 0.71 -9.50 -7.08
N HIS B 65 0.19 -8.99 -5.97
CA HIS B 65 -0.85 -9.71 -5.23
C HIS B 65 -2.09 -9.85 -6.07
N ALA B 66 -2.43 -8.76 -6.75
CA ALA B 66 -3.61 -8.72 -7.59
C ALA B 66 -3.44 -9.63 -8.80
N GLN B 67 -2.24 -9.66 -9.38
CA GLN B 67 -2.02 -10.60 -10.51
C GLN B 67 -2.15 -12.01 -10.06
N ALA B 68 -1.55 -12.35 -8.91
CA ALA B 68 -1.65 -13.69 -8.38
C ALA B 68 -3.09 -14.13 -8.28
N SER B 69 -3.96 -13.23 -7.80
CA SER B 69 -5.37 -13.53 -7.63
C SER B 69 -6.11 -13.59 -8.93
N SER B 70 -5.73 -12.74 -9.88
CA SER B 70 -6.46 -12.72 -11.14
C SER B 70 -6.07 -13.91 -11.93
N PHE B 71 -4.77 -14.21 -11.97
CA PHE B 71 -4.26 -15.18 -12.92
C PHE B 71 -3.73 -16.49 -12.37
N GLY B 72 -3.58 -16.61 -11.05
CA GLY B 72 -3.11 -17.88 -10.49
C GLY B 72 -1.62 -17.97 -10.32
N TRP B 73 -1.16 -18.96 -9.56
CA TRP B 73 0.25 -19.06 -9.19
C TRP B 73 0.68 -20.51 -8.86
N ARG B 74 1.96 -20.74 -8.85
CA ARG B 74 2.48 -22.06 -8.59
C ARG B 74 3.64 -21.76 -7.67
N MET B 75 3.72 -22.47 -6.56
CA MET B 75 4.89 -22.40 -5.69
C MET B 75 5.56 -23.77 -5.64
N THR B 76 6.79 -23.85 -6.16
CA THR B 76 7.52 -25.10 -6.30
C THR B 76 8.70 -25.07 -5.33
N THR B 77 8.77 -26.08 -4.49
CA THR B 77 9.89 -26.27 -3.57
C THR B 77 10.66 -27.56 -3.84
N GLU B 78 11.98 -27.50 -3.85
CA GLU B 78 12.79 -28.72 -3.79
C GLU B 78 13.55 -28.75 -2.48
N MET B 79 13.16 -29.65 -1.58
CA MET B 79 13.86 -29.77 -0.29
C MET B 79 13.91 -31.21 0.20
N LYS B 80 14.59 -31.41 1.32
CA LYS B 80 14.52 -32.68 2.00
C LYS B 80 14.48 -32.41 3.50
N VAL B 81 13.63 -33.15 4.18
CA VAL B 81 13.42 -32.94 5.59
C VAL B 81 14.42 -33.84 6.37
N LEU B 82 15.11 -33.22 7.32
CA LEU B 82 16.10 -33.93 8.09
C LEU B 82 15.48 -34.48 9.37
N SER B 83 14.84 -33.58 10.15
CA SER B 83 14.06 -33.99 11.32
C SER B 83 13.00 -32.97 11.74
N GLY B 84 12.13 -33.38 12.67
CA GLY B 84 10.98 -32.58 13.12
C GLY B 84 9.85 -32.30 12.13
N GLY B 85 9.23 -31.14 12.32
CA GLY B 85 7.97 -30.81 11.66
C GLY B 85 7.79 -29.33 11.54
N MET B 86 6.56 -28.91 11.27
CA MET B 86 6.30 -27.50 10.94
C MET B 86 7.25 -26.98 9.87
N ILE B 87 7.52 -27.79 8.85
CA ILE B 87 8.19 -27.30 7.65
C ILE B 87 7.07 -26.68 6.78
N THR B 88 7.09 -25.37 6.65
CA THR B 88 5.95 -24.65 6.10
C THR B 88 6.38 -23.75 4.94
N ASN B 89 6.12 -24.23 3.74
CA ASN B 89 6.38 -23.46 2.52
C ASN B 89 5.05 -23.04 1.93
N TYR B 90 4.83 -21.71 1.80
CA TYR B 90 3.51 -21.19 1.48
C TYR B 90 3.41 -19.69 1.11
N TYR B 91 2.21 -19.27 0.70
CA TYR B 91 1.97 -17.88 0.39
C TYR B 91 0.76 -17.37 1.11
N ALA B 92 0.90 -16.21 1.73
CA ALA B 92 -0.25 -15.53 2.34
C ALA B 92 -0.45 -14.16 1.69
N ASN B 93 -1.70 -13.75 1.39
CA ASN B 93 -1.94 -12.43 0.72
C ASN B 93 -2.69 -11.37 1.52
N GLY B 94 -2.69 -11.50 2.85
CA GLY B 94 -3.46 -10.61 3.74
C GLY B 94 -4.98 -10.84 3.70
N THR B 95 -5.41 -12.08 3.79
CA THR B 95 -6.83 -12.48 3.65
C THR B 95 -6.79 -13.99 3.75
N GLN B 96 -5.96 -14.64 2.94
CA GLN B 96 -5.99 -16.09 2.85
C GLN B 96 -4.61 -16.73 2.63
N ARG B 97 -4.52 -18.00 2.98
CA ARG B 97 -3.37 -18.78 2.54
C ARG B 97 -3.90 -20.15 2.35
N VAL B 98 -3.13 -20.94 1.61
CA VAL B 98 -3.19 -22.41 1.63
C VAL B 98 -1.87 -22.93 2.28
N LEU B 99 -1.99 -23.50 3.47
CA LEU B 99 -0.82 -23.86 4.26
C LEU B 99 -0.72 -25.39 4.23
N PRO B 100 0.28 -25.91 3.54
CA PRO B 100 0.51 -27.34 3.69
C PRO B 100 1.67 -27.54 4.70
N ILE B 101 1.51 -28.42 5.67
CA ILE B 101 2.49 -28.46 6.79
C ILE B 101 3.20 -29.76 6.65
N ILE B 102 4.47 -29.67 6.39
CA ILE B 102 5.23 -30.87 6.18
C ILE B 102 6.07 -31.22 7.40
N SER B 103 6.06 -32.52 7.73
CA SER B 103 6.83 -33.11 8.84
C SER B 103 7.26 -34.60 8.69
N LEU B 104 8.00 -35.09 9.70
CA LEU B 104 8.32 -36.50 9.88
C LEU B 104 7.69 -36.95 11.18
N ASP B 105 6.99 -38.08 11.15
CA ASP B 105 6.29 -38.59 12.33
C ASP B 105 7.18 -39.44 13.27
N SER B 106 6.57 -39.94 14.35
CA SER B 106 7.21 -40.83 15.28
C SER B 106 7.82 -42.02 14.55
N SER B 107 7.23 -42.41 13.41
CA SER B 107 7.70 -43.60 12.66
C SER B 107 8.74 -43.32 11.60
N GLY B 108 9.11 -42.05 11.39
CA GLY B 108 10.06 -41.69 10.33
C GLY B 108 9.46 -41.51 8.94
N ASN B 109 8.15 -41.65 8.80
CA ASN B 109 7.41 -41.24 7.60
C ASN B 109 7.37 -39.73 7.28
N LEU B 110 7.48 -39.40 5.99
CA LEU B 110 7.28 -38.05 5.50
C LEU B 110 5.76 -37.81 5.29
N VAL B 111 5.21 -36.84 6.01
CA VAL B 111 3.78 -36.59 5.92
C VAL B 111 3.42 -35.14 5.53
N VAL B 112 2.17 -34.91 5.16
CA VAL B 112 1.73 -33.57 4.88
C VAL B 112 0.37 -33.39 5.49
N GLU B 113 0.18 -32.23 6.11
CA GLU B 113 -1.12 -31.81 6.64
C GLU B 113 -1.58 -30.54 5.96
N PHE B 114 -2.87 -30.26 6.03
CA PHE B 114 -3.37 -29.03 5.39
C PHE B 114 -4.28 -28.23 6.29
N GLU B 115 -3.93 -26.96 6.49
CA GLU B 115 -4.84 -26.07 7.24
C GLU B 115 -6.29 -26.16 6.67
N GLY B 116 -7.23 -26.61 7.51
CA GLY B 116 -8.59 -26.81 7.10
C GLY B 116 -8.98 -28.27 7.02
N GLN B 117 -7.98 -29.14 6.96
CA GLN B 117 -8.22 -30.57 7.02
C GLN B 117 -7.46 -31.09 8.27
N THR B 118 -8.04 -32.09 8.94
CA THR B 118 -7.40 -32.77 10.05
C THR B 118 -6.96 -34.14 9.58
N GLY B 119 -5.69 -34.46 9.81
CA GLY B 119 -5.17 -35.71 9.32
C GLY B 119 -3.91 -35.53 8.54
N ARG B 120 -2.95 -36.42 8.78
CA ARG B 120 -1.74 -36.48 8.02
C ARG B 120 -1.91 -37.43 6.85
N THR B 121 -1.29 -37.12 5.73
CA THR B 121 -1.23 -38.02 4.61
C THR B 121 0.23 -38.36 4.38
N VAL B 122 0.53 -39.64 4.32
CA VAL B 122 1.87 -40.13 4.15
C VAL B 122 2.32 -39.86 2.72
N LEU B 123 3.46 -39.22 2.56
CA LEU B 123 4.04 -39.04 1.24
C LEU B 123 5.07 -40.13 0.84
N ALA B 124 5.86 -40.59 1.81
CA ALA B 124 7.03 -41.38 1.49
C ALA B 124 7.43 -42.14 2.74
N THR B 125 7.87 -43.39 2.54
CA THR B 125 8.21 -44.26 3.67
C THR B 125 9.68 -44.63 3.64
N GLY B 126 10.19 -45.08 4.77
CA GLY B 126 11.54 -45.60 4.84
C GLY B 126 12.56 -44.58 4.35
N THR B 127 13.62 -45.05 3.69
CA THR B 127 14.76 -44.18 3.36
C THR B 127 14.34 -43.02 2.41
N ALA B 128 13.31 -43.26 1.60
CA ALA B 128 12.75 -42.22 0.72
C ALA B 128 12.20 -41.00 1.49
N ALA B 129 11.65 -41.23 2.69
CA ALA B 129 11.14 -40.15 3.52
C ALA B 129 12.16 -39.06 3.84
N THR B 130 13.42 -39.26 3.49
CA THR B 130 14.44 -38.31 3.92
C THR B 130 15.34 -37.93 2.77
N GLU B 131 14.88 -38.18 1.55
CA GLU B 131 15.60 -37.71 0.39
C GLU B 131 14.97 -36.42 -0.14
N TYR B 132 15.63 -35.77 -1.08
CA TYR B 132 15.03 -34.65 -1.75
C TYR B 132 13.72 -35.02 -2.50
N HIS B 133 12.80 -34.08 -2.53
CA HIS B 133 11.59 -34.21 -3.32
C HIS B 133 11.23 -32.84 -3.80
N LYS B 134 10.28 -32.79 -4.71
CA LYS B 134 9.80 -31.53 -5.19
C LYS B 134 8.33 -31.47 -4.86
N PHE B 135 7.94 -30.39 -4.16
CA PHE B 135 6.57 -30.18 -3.72
C PHE B 135 5.98 -28.94 -4.41
N GLU B 136 4.80 -29.09 -5.02
CA GLU B 136 4.17 -28.05 -5.82
C GLU B 136 2.80 -27.68 -5.31
N LEU B 137 2.58 -26.40 -5.15
CA LEU B 137 1.28 -25.90 -4.80
C LEU B 137 0.75 -24.99 -5.94
N VAL B 138 -0.35 -25.42 -6.55
CA VAL B 138 -0.94 -24.75 -7.71
C VAL B 138 -2.29 -24.18 -7.33
N PHE B 139 -2.46 -22.89 -7.53
CA PHE B 139 -3.70 -22.21 -7.14
C PHE B 139 -4.47 -21.82 -8.39
N LEU B 140 -5.76 -22.18 -8.48
CA LEU B 140 -6.58 -21.84 -9.64
C LEU B 140 -7.67 -20.90 -9.23
N PRO B 141 -7.61 -19.63 -9.66
CA PRO B 141 -8.62 -18.63 -9.28
C PRO B 141 -9.92 -18.87 -9.97
N GLY B 142 -10.95 -18.17 -9.54
CA GLY B 142 -12.29 -18.40 -10.08
C GLY B 142 -13.33 -18.10 -9.03
N SER B 143 -14.58 -18.39 -9.35
CA SER B 143 -15.66 -18.12 -8.42
C SER B 143 -15.49 -18.94 -7.12
N ASN B 144 -15.08 -20.20 -7.26
CA ASN B 144 -14.63 -21.06 -6.12
C ASN B 144 -13.15 -21.41 -6.18
N PRO B 145 -12.29 -20.46 -5.80
CA PRO B 145 -10.86 -20.65 -5.92
C PRO B 145 -10.42 -21.83 -5.06
N SER B 146 -9.40 -22.54 -5.53
CA SER B 146 -8.90 -23.71 -4.81
C SER B 146 -7.47 -24.05 -5.24
N ALA B 147 -6.81 -24.92 -4.47
CA ALA B 147 -5.45 -25.32 -4.74
C ALA B 147 -5.26 -26.84 -4.77
N SER B 148 -4.24 -27.26 -5.52
CA SER B 148 -3.83 -28.65 -5.62
C SER B 148 -2.38 -28.78 -5.23
N PHE B 149 -2.10 -29.83 -4.48
CA PHE B 149 -0.74 -30.07 -4.03
C PHE B 149 -0.24 -31.33 -4.67
N TYR B 150 0.99 -31.27 -5.16
CA TYR B 150 1.67 -32.33 -5.91
C TYR B 150 3.01 -32.69 -5.28
N PHE B 151 3.37 -33.97 -5.36
CA PHE B 151 4.59 -34.50 -4.79
C PHE B 151 5.25 -35.29 -5.88
N ASP B 152 6.35 -34.76 -6.38
CA ASP B 152 7.13 -35.38 -7.44
C ASP B 152 6.26 -35.59 -8.70
N GLY B 153 5.50 -34.57 -9.09
CA GLY B 153 4.64 -34.65 -10.29
C GLY B 153 3.32 -35.38 -10.06
N LYS B 154 3.13 -35.91 -8.87
CA LYS B 154 1.96 -36.73 -8.58
C LYS B 154 0.95 -35.93 -7.75
N LEU B 155 -0.33 -36.00 -8.13
CA LEU B 155 -1.40 -35.27 -7.43
C LEU B 155 -1.76 -35.89 -6.09
N ILE B 156 -1.45 -35.21 -4.99
CA ILE B 156 -1.79 -35.73 -3.66
C ILE B 156 -3.19 -35.28 -3.18
N ARG B 157 -3.59 -34.06 -3.59
CA ARG B 157 -4.77 -33.45 -3.02
C ARG B 157 -5.19 -32.25 -3.82
N ASP B 158 -6.46 -32.20 -4.17
CA ASP B 158 -6.96 -31.07 -4.92
C ASP B 158 -8.18 -30.46 -4.22
N ASN B 159 -8.73 -29.38 -4.75
CA ASN B 159 -9.83 -28.76 -4.07
C ASN B 159 -9.52 -28.34 -2.63
N ILE B 160 -8.28 -27.95 -2.35
CA ILE B 160 -7.99 -27.45 -1.05
C ILE B 160 -8.56 -26.04 -0.93
N GLN B 161 -9.50 -25.84 -0.04
CA GLN B 161 -9.94 -24.51 0.28
C GLN B 161 -8.92 -23.61 0.95
N PRO B 162 -8.70 -22.39 0.44
CA PRO B 162 -7.88 -21.43 1.19
C PRO B 162 -8.41 -21.08 2.59
N THR B 163 -7.54 -20.82 3.56
CA THR B 163 -8.05 -20.46 4.90
C THR B 163 -7.70 -19.01 5.24
N ALA B 164 -8.44 -18.41 6.16
CA ALA B 164 -8.20 -16.99 6.46
C ALA B 164 -6.85 -16.79 7.11
N SER B 165 -6.10 -15.84 6.61
CA SER B 165 -4.89 -15.39 7.25
C SER B 165 -4.69 -13.91 7.03
N LYS B 166 -4.15 -13.26 8.06
CA LYS B 166 -3.75 -11.86 8.03
C LYS B 166 -2.32 -11.74 7.51
N GLN B 167 -1.59 -12.85 7.41
CA GLN B 167 -0.19 -12.78 6.99
C GLN B 167 -0.10 -12.28 5.55
N ASN B 168 1.07 -11.83 5.13
CA ASN B 168 1.29 -11.24 3.81
C ASN B 168 2.73 -11.48 3.30
N MET B 169 3.01 -12.63 2.70
CA MET B 169 4.41 -13.00 2.50
C MET B 169 4.48 -14.30 1.72
N ILE B 170 5.53 -14.44 0.94
CA ILE B 170 5.93 -15.76 0.58
C ILE B 170 6.95 -16.22 1.63
N VAL B 171 6.69 -17.39 2.16
CA VAL B 171 7.53 -17.94 3.21
C VAL B 171 8.01 -19.35 2.89
N TRP B 172 9.26 -19.62 3.20
CA TRP B 172 9.72 -21.00 3.29
C TRP B 172 10.58 -21.18 4.54
N GLY B 173 10.56 -22.37 5.13
CA GLY B 173 11.31 -22.64 6.38
C GLY B 173 10.58 -23.42 7.46
N ASN B 174 11.14 -23.40 8.68
CA ASN B 174 10.50 -23.94 9.87
C ASN B 174 9.62 -22.84 10.46
N GLY B 175 8.32 -22.83 10.14
CA GLY B 175 7.44 -21.71 10.52
C GLY B 175 6.94 -21.75 11.96
N SER B 176 7.84 -22.07 12.88
CA SER B 176 7.50 -22.36 14.29
C SER B 176 8.66 -22.19 15.28
N SER B 177 8.36 -21.55 16.42
CA SER B 177 9.31 -21.40 17.53
C SER B 177 9.19 -22.61 18.47
N ASN B 178 7.96 -23.00 18.79
CA ASN B 178 7.72 -24.19 19.60
C ASN B 178 8.14 -25.52 18.93
N THR B 179 7.88 -25.69 17.62
CA THR B 179 8.12 -26.97 16.96
C THR B 179 9.38 -26.98 16.10
N ASP B 180 10.32 -27.83 16.49
CA ASP B 180 11.60 -27.88 15.81
C ASP B 180 11.51 -28.56 14.45
N GLY B 181 12.21 -27.97 13.49
CA GLY B 181 12.30 -28.57 12.19
C GLY B 181 13.62 -28.27 11.52
N VAL B 182 14.16 -29.28 10.84
CA VAL B 182 15.39 -29.13 10.09
C VAL B 182 15.21 -29.68 8.67
N ALA B 183 15.49 -28.83 7.68
CA ALA B 183 15.23 -29.13 6.28
C ALA B 183 16.23 -28.41 5.42
N ALA B 184 16.55 -28.97 4.26
CA ALA B 184 17.46 -28.33 3.33
C ALA B 184 16.83 -28.20 1.96
N TYR B 185 17.19 -27.12 1.28
CA TYR B 185 16.40 -26.53 0.28
C TYR B 185 17.34 -26.19 -0.85
N ARG B 186 17.16 -26.84 -2.00
CA ARG B 186 17.95 -26.45 -3.17
C ARG B 186 17.30 -25.30 -3.91
N ASP B 187 15.98 -25.18 -3.78
CA ASP B 187 15.22 -24.30 -4.70
C ASP B 187 13.80 -24.00 -4.25
N ILE B 188 13.45 -22.71 -4.28
CA ILE B 188 12.06 -22.26 -4.04
C ILE B 188 11.60 -21.34 -5.17
N LYS B 189 10.47 -21.65 -5.78
CA LYS B 189 10.02 -20.92 -6.95
C LYS B 189 8.59 -20.47 -6.71
N PHE B 190 8.34 -19.16 -6.79
CA PHE B 190 6.96 -18.66 -6.77
C PHE B 190 6.63 -18.00 -8.10
N GLU B 191 5.69 -18.57 -8.84
CA GLU B 191 5.46 -18.09 -10.20
C GLU B 191 4.09 -17.55 -10.38
N ILE B 192 3.99 -16.25 -10.60
CA ILE B 192 2.69 -15.64 -10.86
C ILE B 192 2.46 -15.71 -12.35
N GLN B 193 1.29 -16.18 -12.74
CA GLN B 193 0.79 -16.04 -14.13
C GLN B 193 0.53 -14.58 -14.33
N GLY B 194 0.69 -14.07 -15.55
CA GLY B 194 0.46 -12.63 -15.79
C GLY B 194 -0.47 -12.39 -16.97
N ASP B 195 -0.83 -13.51 -17.61
CA ASP B 195 -1.45 -13.54 -18.96
C ASP B 195 -0.90 -12.61 -20.04
N ALA C 1 30.99 2.71 -10.46
CA ALA C 1 30.37 3.60 -9.44
C ALA C 1 30.11 4.98 -10.08
N ALA C 2 28.95 5.07 -10.73
CA ALA C 2 28.46 6.29 -11.38
C ALA C 2 27.32 6.88 -10.57
N MET C 3 27.31 8.18 -10.38
CA MET C 3 26.10 8.78 -9.88
C MET C 3 25.93 10.18 -10.40
N ALA C 4 24.71 10.67 -10.40
CA ALA C 4 24.41 12.05 -10.76
C ALA C 4 24.13 12.85 -9.50
N LEU C 5 24.54 14.11 -9.50
CA LEU C 5 24.17 15.05 -8.43
C LEU C 5 23.48 16.31 -8.99
N PHE C 6 22.29 16.62 -8.48
CA PHE C 6 21.58 17.86 -8.82
C PHE C 6 21.36 18.62 -7.53
N ASP C 7 21.86 19.84 -7.45
CA ASP C 7 21.74 20.58 -6.18
C ASP C 7 21.55 22.09 -6.23
N TYR C 8 21.42 22.66 -5.04
CA TYR C 8 21.42 24.07 -4.76
C TYR C 8 22.03 24.29 -3.38
N ASN C 9 23.10 25.09 -3.29
CA ASN C 9 23.60 25.57 -1.98
C ASN C 9 23.37 27.06 -1.96
N ALA C 10 22.54 27.53 -1.03
CA ALA C 10 22.20 28.94 -0.96
C ALA C 10 23.46 29.74 -0.69
N THR C 11 23.68 30.77 -1.52
CA THR C 11 24.88 31.60 -1.44
C THR C 11 24.64 33.02 -1.95
N GLY C 12 25.29 33.99 -1.29
CA GLY C 12 25.19 35.43 -1.64
C GLY C 12 26.07 35.77 -2.80
N ASP C 13 27.16 35.01 -2.89
CA ASP C 13 27.97 34.89 -4.07
C ASP C 13 27.27 35.20 -5.42
N THR C 14 27.50 36.42 -5.92
CA THR C 14 27.01 36.90 -7.22
C THR C 14 26.71 35.85 -8.27
N GLU C 15 27.71 35.01 -8.53
CA GLU C 15 27.68 34.13 -9.69
C GLU C 15 26.55 33.12 -9.54
N PHE C 16 26.29 32.73 -8.29
CA PHE C 16 25.35 31.68 -7.94
C PHE C 16 24.24 32.08 -6.97
N ASP C 17 23.88 33.37 -6.96
CA ASP C 17 23.01 33.90 -5.87
C ASP C 17 21.51 33.67 -6.07
N SER C 18 21.17 32.82 -7.04
CA SER C 18 19.82 32.29 -7.20
C SER C 18 19.90 30.84 -7.72
N PRO C 19 18.83 30.04 -7.48
CA PRO C 19 18.68 28.72 -8.08
C PRO C 19 18.88 28.71 -9.58
N ALA C 20 18.24 29.64 -10.30
CA ALA C 20 18.40 29.80 -11.76
C ALA C 20 19.87 29.85 -12.19
N LYS C 21 20.71 30.49 -11.40
CA LYS C 21 22.16 30.50 -11.65
C LYS C 21 22.82 29.15 -11.26
N GLN C 22 22.05 28.23 -10.67
CA GLN C 22 22.60 26.94 -10.27
C GLN C 22 21.94 25.78 -11.05
N GLY C 23 21.23 26.14 -12.13
CA GLY C 23 20.72 25.19 -13.12
C GLY C 23 19.21 25.00 -13.10
N TRP C 24 18.58 25.47 -12.04
CA TRP C 24 17.14 25.20 -11.87
C TRP C 24 16.25 26.11 -12.72
N MET C 25 15.05 25.62 -12.96
CA MET C 25 14.08 26.27 -13.80
C MET C 25 13.00 26.88 -12.92
N GLN C 26 12.94 28.19 -12.85
CA GLN C 26 11.88 28.89 -12.15
C GLN C 26 10.48 28.57 -12.74
N ASP C 27 9.50 28.27 -11.90
CA ASP C 27 8.20 27.77 -12.38
C ASP C 27 7.09 28.27 -11.44
N ASN C 28 6.85 29.58 -11.47
CA ASN C 28 5.89 30.21 -10.59
C ASN C 28 4.56 30.51 -11.31
N THR C 29 3.51 30.81 -10.56
CA THR C 29 2.28 31.33 -11.16
C THR C 29 1.80 32.52 -10.31
N ASN C 30 1.25 33.56 -10.98
CA ASN C 30 0.70 34.75 -10.31
C ASN C 30 1.67 35.45 -9.39
N ASN C 31 1.27 35.65 -8.12
CA ASN C 31 2.14 36.30 -7.12
C ASN C 31 3.42 35.58 -6.69
N GLY C 32 3.53 34.27 -6.95
CA GLY C 32 4.62 33.52 -6.35
C GLY C 32 5.98 34.00 -6.83
N SER C 33 6.88 34.18 -5.91
CA SER C 33 8.23 34.50 -6.31
C SER C 33 9.21 33.95 -5.27
N GLY C 34 10.39 34.52 -5.22
CA GLY C 34 11.31 34.12 -4.19
C GLY C 34 12.46 35.06 -4.17
N VAL C 35 13.28 34.95 -3.13
CA VAL C 35 14.39 35.85 -2.98
C VAL C 35 15.47 35.36 -2.03
N LEU C 36 16.71 35.79 -2.25
CA LEU C 36 17.85 35.37 -1.44
C LEU C 36 17.88 36.08 -0.09
N THR C 37 18.34 35.38 0.94
CA THR C 37 18.12 35.82 2.30
C THR C 37 19.37 35.45 3.04
N ASN C 38 19.77 36.27 3.98
CA ASN C 38 20.66 35.81 5.04
C ASN C 38 19.82 36.07 6.25
N ALA C 39 19.80 35.17 7.21
CA ALA C 39 18.94 35.47 8.31
C ALA C 39 19.45 34.86 9.55
N ASP C 40 18.71 33.81 9.92
CA ASP C 40 19.11 32.77 10.85
C ASP C 40 20.63 32.48 10.57
N GLY C 41 21.47 33.54 10.71
CA GLY C 41 22.95 33.51 10.51
C GLY C 41 23.44 33.79 9.09
N MET C 42 22.89 33.04 8.13
CA MET C 42 23.53 32.74 6.84
C MET C 42 22.53 32.40 5.70
N PRO C 43 23.05 32.23 4.46
CA PRO C 43 22.22 32.31 3.23
C PRO C 43 21.11 31.26 3.09
N ALA C 44 20.01 31.65 2.41
CA ALA C 44 18.83 30.82 2.16
C ALA C 44 17.91 31.40 1.06
N TRP C 45 17.37 30.56 0.19
CA TRP C 45 16.39 31.04 -0.78
C TRP C 45 15.00 30.96 -0.19
N LEU C 46 14.34 32.11 -0.15
CA LEU C 46 13.02 32.20 0.46
C LEU C 46 12.01 31.99 -0.65
N VAL C 47 11.22 30.95 -0.46
CA VAL C 47 10.22 30.64 -1.44
C VAL C 47 9.00 31.36 -0.97
N GLN C 48 8.59 32.37 -1.72
CA GLN C 48 7.42 33.13 -1.33
C GLN C 48 6.27 32.62 -2.17
N GLY C 49 5.38 31.86 -1.55
CA GLY C 49 4.30 31.23 -2.28
C GLY C 49 2.94 31.62 -1.78
N ILE C 50 2.86 32.77 -1.12
CA ILE C 50 1.54 33.39 -0.91
C ILE C 50 1.05 34.08 -2.19
N GLY C 51 -0.09 33.63 -2.71
CA GLY C 51 -0.71 34.19 -3.91
C GLY C 51 -0.42 33.46 -5.20
N GLY C 52 0.17 32.28 -5.11
CA GLY C 52 0.49 31.51 -6.29
C GLY C 52 1.62 30.54 -6.08
N ARG C 53 1.97 29.87 -7.17
CA ARG C 53 2.92 28.79 -7.09
C ARG C 53 4.32 29.35 -7.15
N ALA C 54 5.17 28.82 -6.28
CA ALA C 54 6.57 29.16 -6.33
C ALA C 54 7.40 27.91 -6.18
N GLN C 55 8.11 27.53 -7.23
CA GLN C 55 8.98 26.34 -7.19
C GLN C 55 10.02 26.37 -8.28
N TRP C 56 11.02 25.52 -8.11
CA TRP C 56 12.10 25.29 -9.03
C TRP C 56 12.14 23.82 -9.47
N THR C 57 12.53 23.58 -10.72
CA THR C 57 12.51 22.24 -11.33
C THR C 57 13.82 21.95 -12.09
N TYR C 58 14.08 20.67 -12.30
CA TYR C 58 15.22 20.19 -13.07
C TYR C 58 14.78 18.97 -13.88
N SER C 59 14.92 19.03 -15.20
CA SER C 59 14.58 17.88 -16.07
C SER C 59 15.67 16.83 -16.09
N LEU C 60 15.31 15.59 -16.44
CA LEU C 60 16.30 14.50 -16.40
C LEU C 60 16.39 13.67 -17.68
N SER C 61 17.54 13.00 -17.87
CA SER C 61 17.74 12.05 -18.98
C SER C 61 17.07 10.74 -18.62
N THR C 62 16.76 9.95 -19.65
CA THR C 62 16.01 8.72 -19.41
C THR C 62 16.90 7.66 -18.72
N ASN C 63 18.19 7.78 -18.98
CA ASN C 63 19.17 6.88 -18.39
C ASN C 63 19.25 7.20 -16.88
N GLN C 64 18.90 8.44 -16.56
CA GLN C 64 18.85 8.87 -15.16
C GLN C 64 17.55 8.41 -14.48
N HIS C 65 16.42 8.67 -15.13
CA HIS C 65 15.15 8.09 -14.71
C HIS C 65 15.30 6.58 -14.42
N ALA C 66 15.95 5.85 -15.34
CA ALA C 66 16.13 4.42 -15.15
C ALA C 66 17.16 4.01 -14.06
N GLN C 67 18.28 4.75 -13.94
CA GLN C 67 19.28 4.44 -12.91
C GLN C 67 18.67 4.71 -11.54
N ALA C 68 17.76 5.68 -11.52
CA ALA C 68 17.02 6.04 -10.32
C ALA C 68 16.41 4.79 -9.72
N SER C 69 15.53 4.14 -10.49
CA SER C 69 14.90 2.86 -10.07
C SER C 69 15.85 1.65 -9.95
N SER C 70 16.91 1.60 -10.78
CA SER C 70 18.05 0.67 -10.60
C SER C 70 18.64 0.75 -9.19
N PHE C 71 19.55 1.71 -8.97
CA PHE C 71 20.35 1.77 -7.76
C PHE C 71 19.60 2.54 -6.65
N GLY C 72 18.65 3.38 -7.02
CA GLY C 72 17.99 4.23 -6.02
C GLY C 72 18.37 5.72 -6.06
N TRP C 73 17.73 6.52 -5.21
CA TRP C 73 17.98 7.95 -5.13
C TRP C 73 17.66 8.54 -3.77
N ARG C 74 18.19 9.72 -3.49
CA ARG C 74 17.76 10.46 -2.31
C ARG C 74 17.74 11.97 -2.47
N MET C 75 16.71 12.58 -1.87
CA MET C 75 16.57 14.03 -1.84
C MET C 75 16.89 14.46 -0.43
N THR C 76 17.89 15.29 -0.33
CA THR C 76 18.17 15.92 0.91
C THR C 76 17.78 17.41 0.77
N THR C 77 16.99 17.93 1.71
CA THR C 77 16.69 19.37 1.79
C THR C 77 16.95 19.84 3.20
N GLU C 78 17.59 20.97 3.37
CA GLU C 78 17.57 21.63 4.65
C GLU C 78 16.66 22.86 4.54
N MET C 79 15.61 22.89 5.35
CA MET C 79 14.66 23.98 5.23
C MET C 79 13.87 24.25 6.47
N LYS C 80 13.52 25.52 6.64
CA LYS C 80 12.66 26.09 7.69
C LYS C 80 11.31 26.39 7.01
N VAL C 81 10.20 25.98 7.62
CA VAL C 81 8.91 26.37 7.04
C VAL C 81 8.31 27.55 7.84
N LEU C 82 7.97 28.63 7.15
CA LEU C 82 7.61 29.87 7.81
C LEU C 82 6.13 29.96 8.02
N SER C 83 5.37 29.36 7.12
CA SER C 83 3.90 29.52 7.12
C SER C 83 3.28 28.67 6.02
N GLY C 84 2.11 28.10 6.32
CA GLY C 84 1.24 27.51 5.30
C GLY C 84 1.51 26.03 5.01
N GLY C 85 1.19 25.65 3.77
CA GLY C 85 1.25 24.26 3.31
C GLY C 85 1.71 24.07 1.88
N MET C 86 1.41 22.90 1.33
CA MET C 86 1.89 22.50 0.02
C MET C 86 3.35 22.79 -0.16
N ILE C 87 4.13 22.37 0.81
CA ILE C 87 5.57 22.51 0.66
C ILE C 87 6.03 21.19 0.08
N THR C 88 6.44 21.22 -1.18
CA THR C 88 6.55 20.00 -1.99
C THR C 88 7.94 19.78 -2.58
N ASN C 89 8.72 18.94 -1.97
CA ASN C 89 10.04 18.63 -2.50
C ASN C 89 10.07 17.15 -2.79
N TYR C 90 10.19 16.82 -4.05
CA TYR C 90 9.95 15.45 -4.52
C TYR C 90 10.61 15.20 -5.88
N TYR C 91 10.36 13.99 -6.41
CA TYR C 91 10.80 13.55 -7.74
C TYR C 91 9.67 12.83 -8.50
N ALA C 92 9.49 13.16 -9.76
CA ALA C 92 8.52 12.49 -10.61
C ALA C 92 9.18 12.08 -11.97
N ASN C 93 9.02 10.82 -12.40
CA ASN C 93 9.83 10.26 -13.52
C ASN C 93 9.06 10.11 -14.83
N GLY C 94 7.90 10.73 -14.93
CA GLY C 94 7.12 10.68 -16.14
C GLY C 94 6.09 9.60 -15.93
N THR C 95 6.27 8.82 -14.90
CA THR C 95 5.41 7.66 -14.78
C THR C 95 4.78 7.49 -13.40
N GLN C 96 5.55 7.87 -12.37
CA GLN C 96 5.17 7.69 -11.01
C GLN C 96 6.04 8.64 -10.14
N ARG C 97 5.65 8.87 -8.88
CA ARG C 97 6.36 9.83 -8.05
C ARG C 97 6.27 9.43 -6.59
N VAL C 98 7.06 10.05 -5.75
CA VAL C 98 6.85 9.88 -4.31
C VAL C 98 6.83 11.27 -3.73
N LEU C 99 5.65 11.69 -3.27
CA LEU C 99 5.38 13.10 -2.87
C LEU C 99 5.08 13.30 -1.37
N PRO C 100 6.08 13.74 -0.59
CA PRO C 100 5.65 14.21 0.74
C PRO C 100 5.08 15.60 0.57
N ILE C 101 4.08 15.91 1.37
CA ILE C 101 3.59 17.30 1.44
C ILE C 101 3.75 17.77 2.86
N ILE C 102 4.63 18.75 3.06
CA ILE C 102 4.86 19.33 4.37
C ILE C 102 4.07 20.63 4.56
N SER C 103 3.63 20.92 5.78
CA SER C 103 2.88 22.14 6.12
C SER C 103 2.91 22.36 7.62
N LEU C 104 2.77 23.61 8.09
CA LEU C 104 2.57 23.95 9.52
C LEU C 104 1.10 24.06 9.80
N ASP C 105 0.52 23.31 10.75
CA ASP C 105 -0.93 23.40 10.95
C ASP C 105 -1.40 24.56 11.83
N SER C 106 -2.72 24.70 11.97
CA SER C 106 -3.30 25.79 12.77
C SER C 106 -2.70 25.85 14.19
N SER C 107 -2.31 24.71 14.74
CA SER C 107 -1.70 24.72 16.06
C SER C 107 -0.19 24.91 16.03
N GLY C 108 0.39 25.30 14.88
CA GLY C 108 1.85 25.46 14.75
C GLY C 108 2.66 24.18 14.92
N ASN C 109 2.11 23.08 14.43
CA ASN C 109 2.85 21.84 14.28
C ASN C 109 3.33 21.64 12.84
N LEU C 110 4.59 21.23 12.69
CA LEU C 110 5.16 20.85 11.40
C LEU C 110 4.68 19.45 11.12
N VAL C 111 3.95 19.26 10.02
CA VAL C 111 3.43 17.95 9.66
C VAL C 111 3.79 17.53 8.21
N VAL C 112 3.69 16.24 7.93
CA VAL C 112 3.93 15.75 6.58
C VAL C 112 2.87 14.73 6.22
N GLU C 113 2.36 14.82 4.98
CA GLU C 113 1.52 13.78 4.42
C GLU C 113 2.23 13.14 3.26
N PHE C 114 1.72 11.99 2.80
CA PHE C 114 2.28 11.38 1.62
C PHE C 114 1.20 11.03 0.63
N GLU C 115 1.41 11.36 -0.64
CA GLU C 115 0.43 10.97 -1.66
C GLU C 115 0.46 9.45 -1.74
N GLY C 116 -0.73 8.85 -1.59
CA GLY C 116 -0.93 7.40 -1.60
C GLY C 116 -1.32 6.96 -0.21
N GLN C 117 -1.08 7.80 0.77
CA GLN C 117 -1.55 7.50 2.12
C GLN C 117 -2.41 8.65 2.54
N THR C 118 -3.43 8.40 3.34
CA THR C 118 -4.15 9.54 3.87
C THR C 118 -4.06 9.63 5.39
N GLY C 119 -3.54 10.75 5.86
CA GLY C 119 -3.10 10.94 7.24
C GLY C 119 -1.91 11.86 7.33
N ARG C 120 -1.75 12.52 8.47
CA ARG C 120 -0.62 13.44 8.70
C ARG C 120 0.23 12.94 9.87
N THR C 121 1.53 13.09 9.78
CA THR C 121 2.36 12.75 10.92
C THR C 121 2.92 14.06 11.45
N VAL C 122 2.83 14.24 12.76
CA VAL C 122 3.44 15.40 13.37
C VAL C 122 4.92 15.21 13.34
N LEU C 123 5.67 16.26 13.01
CA LEU C 123 7.10 16.12 12.96
C LEU C 123 7.78 16.78 14.13
N ALA C 124 7.33 17.98 14.45
CA ALA C 124 7.89 18.78 15.52
C ALA C 124 6.76 19.68 15.95
N THR C 125 6.80 20.10 17.22
CA THR C 125 5.77 21.01 17.76
C THR C 125 6.41 22.27 18.29
N GLY C 126 5.54 23.18 18.73
CA GLY C 126 5.96 24.39 19.42
C GLY C 126 7.03 25.14 18.67
N THR C 127 7.98 25.71 19.41
CA THR C 127 8.97 26.58 18.81
C THR C 127 9.91 25.78 17.87
N ALA C 128 10.16 24.52 18.23
CA ALA C 128 10.93 23.62 17.37
C ALA C 128 10.32 23.43 15.96
N ALA C 129 9.00 23.53 15.83
CA ALA C 129 8.39 23.38 14.51
C ALA C 129 8.73 24.51 13.54
N THR C 130 9.26 25.63 14.01
CA THR C 130 9.51 26.72 13.06
C THR C 130 10.95 26.89 12.66
N GLU C 131 11.72 25.85 12.94
CA GLU C 131 13.14 25.83 12.68
C GLU C 131 13.52 25.06 11.43
N TYR C 132 14.81 25.13 11.11
CA TYR C 132 15.37 24.32 10.06
C TYR C 132 15.52 22.88 10.56
N HIS C 133 15.33 21.94 9.65
CA HIS C 133 15.67 20.58 9.89
C HIS C 133 16.19 20.02 8.59
N LYS C 134 16.76 18.81 8.66
CA LYS C 134 17.32 18.12 7.50
C LYS C 134 16.31 17.02 7.14
N PHE C 135 15.80 17.07 5.92
CA PHE C 135 14.81 16.11 5.48
C PHE C 135 15.49 15.23 4.47
N GLU C 136 15.28 13.91 4.57
CA GLU C 136 15.80 12.97 3.56
C GLU C 136 14.70 12.08 3.08
N LEU C 137 14.50 12.05 1.77
CA LEU C 137 13.64 11.07 1.18
C LEU C 137 14.50 10.05 0.41
N VAL C 138 14.63 8.84 0.96
CA VAL C 138 15.44 7.75 0.39
C VAL C 138 14.51 6.78 -0.33
N PHE C 139 14.77 6.53 -1.61
CA PHE C 139 14.12 5.46 -2.36
C PHE C 139 14.99 4.19 -2.20
N LEU C 140 14.43 3.13 -1.60
CA LEU C 140 15.07 1.80 -1.47
C LEU C 140 14.55 0.86 -2.57
N PRO C 141 15.41 0.48 -3.54
CA PRO C 141 14.97 -0.11 -4.84
C PRO C 141 14.70 -1.66 -4.94
N GLY C 142 14.10 -2.08 -6.08
CA GLY C 142 13.81 -3.50 -6.34
C GLY C 142 12.46 -3.95 -6.92
N SER C 143 12.07 -5.18 -6.56
CA SER C 143 10.87 -5.81 -7.16
C SER C 143 9.57 -5.37 -6.45
N ASN C 144 9.72 -4.91 -5.21
CA ASN C 144 8.66 -4.22 -4.50
C ASN C 144 9.17 -2.86 -3.98
N PRO C 145 9.32 -1.88 -4.90
CA PRO C 145 10.06 -0.68 -4.56
C PRO C 145 9.26 0.20 -3.58
N SER C 146 9.93 0.70 -2.53
CA SER C 146 9.36 1.63 -1.57
C SER C 146 10.30 2.84 -1.33
N ALA C 147 9.78 3.89 -0.67
CA ALA C 147 10.61 5.01 -0.20
C ALA C 147 10.53 5.13 1.31
N SER C 148 11.50 5.80 1.91
CA SER C 148 11.51 5.96 3.35
C SER C 148 11.98 7.41 3.72
N PHE C 149 11.54 7.97 4.86
CA PHE C 149 11.60 9.46 5.12
C PHE C 149 12.23 9.81 6.46
N TYR C 150 13.26 10.65 6.43
CA TYR C 150 13.92 11.02 7.68
C TYR C 150 13.89 12.49 8.04
N PHE C 151 13.93 12.73 9.34
CA PHE C 151 13.78 14.05 9.89
C PHE C 151 14.82 14.19 10.98
N ASP C 152 15.86 14.94 10.64
CA ASP C 152 17.11 15.06 11.40
C ASP C 152 17.70 13.70 11.74
N GLY C 153 17.93 12.91 10.71
CA GLY C 153 18.46 11.55 10.84
C GLY C 153 17.66 10.62 11.74
N LYS C 154 16.35 10.54 11.51
CA LYS C 154 15.49 9.73 12.34
C LYS C 154 14.31 9.29 11.49
N LEU C 155 14.22 7.98 11.26
CA LEU C 155 13.14 7.41 10.48
C LEU C 155 11.77 7.89 10.96
N ILE C 156 10.94 8.29 9.98
CA ILE C 156 9.58 8.67 10.29
C ILE C 156 8.58 7.73 9.61
N ARG C 157 8.88 7.31 8.38
CA ARG C 157 7.92 6.54 7.63
C ARG C 157 8.53 5.56 6.63
N ASP C 158 8.08 4.31 6.70
CA ASP C 158 8.50 3.22 5.84
C ASP C 158 7.64 3.08 4.64
N ASN C 159 8.08 2.24 3.71
CA ASN C 159 7.14 1.56 2.81
C ASN C 159 6.16 2.42 2.01
N ILE C 160 6.62 3.58 1.57
CA ILE C 160 5.78 4.54 0.89
C ILE C 160 5.75 4.15 -0.58
N GLN C 161 4.67 3.54 -1.05
CA GLN C 161 4.62 3.12 -2.47
C GLN C 161 4.61 4.30 -3.43
N PRO C 162 5.29 4.22 -4.60
CA PRO C 162 5.14 5.31 -5.56
C PRO C 162 3.68 5.45 -6.08
N THR C 163 3.35 6.56 -6.73
CA THR C 163 1.95 6.78 -7.13
C THR C 163 1.96 7.33 -8.54
N ALA C 164 0.95 6.96 -9.32
CA ALA C 164 0.86 7.38 -10.71
C ALA C 164 0.97 8.89 -10.86
N SER C 165 1.80 9.34 -11.80
CA SER C 165 1.90 10.74 -12.14
C SER C 165 2.53 10.86 -13.49
N LYS C 166 2.04 11.82 -14.27
CA LYS C 166 2.57 12.11 -15.59
C LYS C 166 3.74 13.11 -15.51
N GLN C 167 4.13 13.53 -14.31
CA GLN C 167 5.08 14.64 -14.19
C GLN C 167 6.52 14.18 -14.30
N ASN C 168 7.34 14.95 -15.02
CA ASN C 168 8.77 14.62 -15.19
C ASN C 168 9.68 15.75 -14.71
N MET C 169 10.30 15.58 -13.54
CA MET C 169 11.11 16.65 -12.93
C MET C 169 11.42 16.42 -11.46
N ILE C 170 12.55 16.94 -11.01
CA ILE C 170 12.74 17.14 -9.59
C ILE C 170 12.14 18.50 -9.27
N VAL C 171 11.48 18.62 -8.10
CA VAL C 171 10.83 19.87 -7.68
C VAL C 171 11.04 20.23 -6.22
N TRP C 172 11.35 21.51 -5.95
CA TRP C 172 11.18 22.06 -4.61
C TRP C 172 10.42 23.37 -4.57
N GLY C 173 9.65 23.55 -3.50
CA GLY C 173 9.05 24.82 -3.19
C GLY C 173 7.63 24.56 -2.80
N ASN C 174 6.75 25.46 -3.22
CA ASN C 174 5.35 25.42 -2.87
C ASN C 174 4.56 25.09 -4.11
N GLY C 175 4.24 23.81 -4.26
CA GLY C 175 3.76 23.29 -5.52
C GLY C 175 2.28 23.44 -5.58
N SER C 176 1.79 24.67 -5.51
CA SER C 176 0.36 24.92 -5.50
C SER C 176 0.07 26.37 -5.79
N SER C 177 -0.93 26.57 -6.64
CA SER C 177 -1.46 27.88 -6.99
C SER C 177 -2.48 28.35 -5.98
N ASN C 178 -3.16 27.41 -5.34
CA ASN C 178 -4.23 27.74 -4.41
C ASN C 178 -3.90 27.60 -2.92
N THR C 179 -2.90 26.78 -2.55
CA THR C 179 -2.51 26.65 -1.14
C THR C 179 -1.21 27.35 -0.88
N ASP C 180 -1.30 28.40 -0.09
CA ASP C 180 -0.14 29.25 0.17
C ASP C 180 0.85 28.59 1.09
N GLY C 181 2.11 28.87 0.83
CA GLY C 181 3.19 28.34 1.61
C GLY C 181 4.46 29.14 1.46
N VAL C 182 5.16 29.34 2.58
CA VAL C 182 6.37 30.13 2.60
C VAL C 182 7.46 29.29 3.27
N ALA C 183 8.67 29.33 2.74
CA ALA C 183 9.72 28.51 3.29
C ALA C 183 11.06 28.92 2.77
N ALA C 184 12.05 28.72 3.62
CA ALA C 184 13.44 29.07 3.36
C ALA C 184 14.27 27.78 3.18
N TYR C 185 15.19 27.79 2.22
CA TYR C 185 15.92 26.60 1.86
C TYR C 185 17.34 26.97 1.90
N ARG C 186 18.08 26.42 2.87
CA ARG C 186 19.53 26.58 2.89
C ARG C 186 20.18 25.75 1.80
N ASP C 187 19.54 24.61 1.46
CA ASP C 187 20.18 23.57 0.63
C ASP C 187 19.20 22.53 0.04
N ILE C 188 19.51 22.04 -1.17
CA ILE C 188 18.72 21.01 -1.87
C ILE C 188 19.66 20.10 -2.64
N LYS C 189 19.59 18.80 -2.39
CA LYS C 189 20.46 17.82 -3.03
C LYS C 189 19.61 16.67 -3.56
N PHE C 190 19.73 16.36 -4.83
CA PHE C 190 19.11 15.16 -5.33
C PHE C 190 20.18 14.21 -5.94
N GLU C 191 20.52 13.15 -5.21
CA GLU C 191 21.52 12.16 -5.63
C GLU C 191 20.91 10.89 -6.23
N ILE C 192 21.26 10.58 -7.48
CA ILE C 192 21.00 9.25 -8.02
C ILE C 192 22.16 8.30 -7.71
N GLN C 193 22.01 7.38 -6.73
CA GLN C 193 23.02 6.32 -6.44
C GLN C 193 23.30 5.48 -7.68
N GLY C 194 24.52 4.96 -7.78
CA GLY C 194 24.99 4.15 -8.95
C GLY C 194 24.59 4.61 -10.37
#